data_5D5V
#
_entry.id   5D5V
#
_cell.length_a   104.813
_cell.length_b   112.678
_cell.length_c   39.865
_cell.angle_alpha   90.000
_cell.angle_beta   92.560
_cell.angle_gamma   90.000
#
_symmetry.space_group_name_H-M   'C 1 2 1'
#
loop_
_entity.id
_entity.type
_entity.pdbx_description
1 polymer 'Heat shock factor protein 1'
2 polymer DNA
3 polymer DNA
4 non-polymer 'MAGNESIUM ION'
5 water water
#
loop_
_entity_poly.entity_id
_entity_poly.type
_entity_poly.pdbx_seq_one_letter_code
_entity_poly.pdbx_strand_id
1 'polypeptide(L)'
;GAMGSGILRGGMDLPVGPGAAGPSNVPAFLTKLWTLVSDPDTDALICWSPSGNSFHVFDQGQFAKEVLPKYFKHNNMASF
VRQLNMYGFRKVVHIEQGGLVKPERDDTEFQHPCFLRGQEQLLENIKRKVT
;
B,D
2 'polydeoxyribonucleotide' (DC)(DG)(DG)(DA)(DA)(DT)(DG)(DG)(DA)(DA)(DT)(DG) A
3 'polydeoxyribonucleotide' (DC)(DA)(DT)(DT)(DC)(DC)(DA)(DT)(DT)(DC)(DC)(DG) C
#
loop_
_chem_comp.id
_chem_comp.type
_chem_comp.name
_chem_comp.formula
DA DNA linking 2'-DEOXYADENOSINE-5'-MONOPHOSPHATE 'C10 H14 N5 O6 P'
DC DNA linking 2'-DEOXYCYTIDINE-5'-MONOPHOSPHATE 'C9 H14 N3 O7 P'
DG DNA linking 2'-DEOXYGUANOSINE-5'-MONOPHOSPHATE 'C10 H14 N5 O7 P'
DT DNA linking THYMIDINE-5'-MONOPHOSPHATE 'C10 H15 N2 O8 P'
MG non-polymer 'MAGNESIUM ION' 'Mg 2'
#
# COMPACT_ATOMS: atom_id res chain seq x y z
N ASN A 25 23.60 -21.48 -3.22
CA ASN A 25 23.05 -20.35 -4.06
C ASN A 25 22.27 -19.33 -3.27
N VAL A 26 22.98 -18.58 -2.44
CA VAL A 26 22.34 -17.58 -1.58
C VAL A 26 22.40 -16.17 -2.24
N PRO A 27 21.25 -15.52 -2.41
CA PRO A 27 21.18 -14.19 -3.04
C PRO A 27 22.04 -13.11 -2.38
N ALA A 28 22.64 -12.27 -3.18
CA ALA A 28 23.51 -11.21 -2.64
C ALA A 28 22.87 -10.41 -1.51
N PHE A 29 21.56 -10.18 -1.60
CA PHE A 29 20.91 -9.35 -0.61
C PHE A 29 21.11 -9.90 0.79
N LEU A 30 20.99 -11.22 0.93
CA LEU A 30 21.04 -11.86 2.23
C LEU A 30 22.46 -11.88 2.79
N THR A 31 23.44 -12.31 2.00
CA THR A 31 24.83 -12.33 2.49
C THR A 31 25.36 -10.93 2.79
N LYS A 32 24.93 -9.94 2.01
CA LYS A 32 25.29 -8.55 2.30
C LYS A 32 24.63 -8.05 3.59
N LEU A 33 23.36 -8.38 3.76
CA LEU A 33 22.64 -7.99 4.97
C LEU A 33 23.29 -8.61 6.20
N TRP A 34 23.68 -9.87 6.07
CA TRP A 34 24.22 -10.62 7.17
C TRP A 34 25.55 -10.00 7.55
N THR A 35 26.40 -9.81 6.56
CA THR A 35 27.70 -9.16 6.78
C THR A 35 27.55 -7.75 7.40
N LEU A 36 26.64 -6.97 6.83
CA LEU A 36 26.37 -5.59 7.30
C LEU A 36 25.93 -5.53 8.77
N VAL A 37 24.94 -6.34 9.12
CA VAL A 37 24.49 -6.45 10.50
C VAL A 37 25.67 -6.90 11.41
N SER A 38 26.34 -7.99 11.02
CA SER A 38 27.39 -8.61 11.83
C SER A 38 28.66 -7.75 11.96
N ASP A 39 28.96 -6.95 10.96
CA ASP A 39 30.13 -6.09 11.03
C ASP A 39 30.03 -5.13 12.24
N PRO A 40 31.06 -5.14 13.12
CA PRO A 40 31.12 -4.19 14.24
C PRO A 40 31.40 -2.73 13.81
N ASP A 41 32.10 -2.56 12.70
CA ASP A 41 32.34 -1.23 12.13
C ASP A 41 31.03 -0.44 11.88
N THR A 42 29.91 -1.13 11.63
CA THR A 42 28.62 -0.46 11.34
C THR A 42 27.62 -0.49 12.50
N ASP A 43 28.03 -1.01 13.64
CA ASP A 43 27.11 -1.28 14.75
C ASP A 43 26.41 -0.06 15.36
N ALA A 44 26.97 1.12 15.12
CA ALA A 44 26.32 2.33 15.61
C ALA A 44 24.97 2.53 14.89
N LEU A 45 24.89 2.18 13.59
CA LEU A 45 23.65 2.34 12.80
C LEU A 45 22.87 1.03 12.53
N ILE A 46 23.55 -0.11 12.55
CA ILE A 46 22.89 -1.37 12.28
C ILE A 46 23.65 -2.49 12.99
N CYS A 47 22.93 -3.20 13.86
CA CYS A 47 23.53 -4.23 14.71
C CYS A 47 22.52 -5.26 15.18
N TRP A 48 23.00 -6.41 15.64
CA TRP A 48 22.13 -7.47 16.18
C TRP A 48 21.55 -7.02 17.50
N SER A 49 20.32 -7.44 17.76
CA SER A 49 19.72 -7.27 19.05
C SER A 49 20.50 -8.16 20.06
N PRO A 50 20.39 -7.86 21.36
CA PRO A 50 21.15 -8.61 22.37
C PRO A 50 20.96 -10.13 22.26
N SER A 51 19.74 -10.60 22.06
CA SER A 51 19.51 -12.05 21.96
C SER A 51 19.84 -12.64 20.57
N GLY A 52 20.19 -11.79 19.61
CA GLY A 52 20.75 -12.25 18.33
C GLY A 52 19.75 -12.88 17.38
N ASN A 53 18.48 -12.51 17.51
CA ASN A 53 17.43 -13.04 16.63
C ASN A 53 16.64 -11.98 15.85
N SER A 54 17.17 -10.76 15.84
CA SER A 54 16.59 -9.63 15.13
C SER A 54 17.66 -8.57 15.01
N PHE A 55 17.43 -7.55 14.19
CA PHE A 55 18.39 -6.45 14.06
C PHE A 55 17.77 -5.09 14.01
N HIS A 56 18.54 -4.09 14.45
CA HIS A 56 18.09 -2.69 14.59
C HIS A 56 18.76 -1.77 13.60
N VAL A 57 17.95 -0.89 13.01
CA VAL A 57 18.47 0.25 12.23
C VAL A 57 18.21 1.52 13.07
N PHE A 58 19.25 2.32 13.24
CA PHE A 58 19.20 3.60 13.99
C PHE A 58 19.48 4.78 13.06
N ASP A 59 18.72 5.86 13.21
CA ASP A 59 18.93 7.08 12.40
C ASP A 59 18.84 6.76 10.90
N GLN A 60 17.71 6.19 10.53
CA GLN A 60 17.31 5.92 9.16
C GLN A 60 17.97 6.82 8.12
N GLY A 61 17.82 8.13 8.31
CA GLY A 61 18.33 9.12 7.36
C GLY A 61 19.82 8.97 7.15
N GLN A 62 20.57 8.91 8.25
CA GLN A 62 22.03 8.77 8.18
C GLN A 62 22.35 7.42 7.53
N PHE A 63 21.66 6.40 7.99
CA PHE A 63 21.88 5.05 7.50
C PHE A 63 21.63 4.96 6.00
N ALA A 64 20.57 5.60 5.54
CA ALA A 64 20.22 5.59 4.12
C ALA A 64 21.21 6.36 3.25
N LYS A 65 21.68 7.51 3.75
CA LYS A 65 22.62 8.34 3.00
C LYS A 65 24.05 7.77 3.04
N GLU A 66 24.52 7.38 4.23
CA GLU A 66 25.91 6.99 4.40
C GLU A 66 26.18 5.50 4.12
N VAL A 67 25.28 4.62 4.56
CA VAL A 67 25.59 3.20 4.55
C VAL A 67 25.07 2.44 3.32
N LEU A 68 23.80 2.63 2.98
CA LEU A 68 23.16 1.81 1.95
C LEU A 68 23.86 1.83 0.60
N PRO A 69 24.30 3.01 0.15
CA PRO A 69 24.94 3.05 -1.18
C PRO A 69 26.36 2.50 -1.24
N LYS A 70 26.91 2.09 -0.09
CA LYS A 70 28.18 1.39 -0.05
C LYS A 70 27.93 -0.09 -0.30
N TYR A 71 26.72 -0.56 0.00
CA TYR A 71 26.39 -1.99 -0.08
C TYR A 71 25.50 -2.27 -1.26
N PHE A 72 24.58 -1.37 -1.56
CA PHE A 72 23.64 -1.55 -2.66
C PHE A 72 23.75 -0.37 -3.66
N LYS A 73 22.95 -0.42 -4.73
CA LYS A 73 22.91 0.64 -5.74
C LYS A 73 21.80 1.65 -5.54
N HIS A 74 21.60 2.07 -4.29
CA HIS A 74 20.64 3.10 -3.99
C HIS A 74 20.93 3.66 -2.61
N ASN A 75 20.18 4.70 -2.27
CA ASN A 75 20.22 5.30 -0.95
C ASN A 75 18.85 5.53 -0.34
N ASN A 76 17.90 4.62 -0.65
CA ASN A 76 16.53 4.71 -0.19
C ASN A 76 16.16 3.64 0.83
N MET A 77 15.80 4.10 2.03
CA MET A 77 15.34 3.19 3.08
C MET A 77 14.17 2.34 2.57
N ALA A 78 13.28 2.94 1.78
CA ALA A 78 12.07 2.24 1.30
C ALA A 78 12.40 1.06 0.42
N SER A 79 13.48 1.16 -0.35
CA SER A 79 13.93 0.08 -1.24
C SER A 79 14.54 -1.07 -0.45
N PHE A 80 15.31 -0.70 0.57
CA PHE A 80 15.85 -1.67 1.53
C PHE A 80 14.71 -2.45 2.21
N VAL A 81 13.74 -1.72 2.74
CA VAL A 81 12.58 -2.34 3.40
C VAL A 81 11.78 -3.27 2.48
N ARG A 82 11.61 -2.91 1.21
CA ARG A 82 10.90 -3.77 0.27
C ARG A 82 11.59 -5.12 0.17
N GLN A 83 12.91 -5.09 0.01
CA GLN A 83 13.70 -6.32 -0.05
C GLN A 83 13.50 -7.17 1.19
N LEU A 84 13.51 -6.52 2.34
CA LEU A 84 13.26 -7.23 3.58
C LEU A 84 11.90 -7.93 3.54
N ASN A 85 10.85 -7.23 3.13
CA ASN A 85 9.54 -7.87 3.05
C ASN A 85 9.53 -8.98 1.98
N MET A 86 10.18 -8.74 0.85
CA MET A 86 10.21 -9.76 -0.17
C MET A 86 10.81 -11.07 0.31
N TYR A 87 11.78 -10.97 1.20
CA TYR A 87 12.43 -12.17 1.73
C TYR A 87 11.74 -12.76 2.99
N GLY A 88 10.62 -12.17 3.39
CA GLY A 88 9.83 -12.71 4.52
C GLY A 88 10.15 -12.12 5.89
N PHE A 89 11.01 -11.11 5.97
CA PHE A 89 11.28 -10.42 7.22
C PHE A 89 10.02 -9.67 7.62
N ARG A 90 9.81 -9.53 8.93
CA ARG A 90 8.66 -8.84 9.49
C ARG A 90 9.14 -7.80 10.45
N LYS A 91 8.48 -6.67 10.49
CA LYS A 91 8.89 -5.61 11.39
C LYS A 91 8.56 -5.98 12.83
N VAL A 92 9.49 -5.75 13.74
CA VAL A 92 9.18 -5.93 15.15
C VAL A 92 8.60 -4.61 15.65
N VAL A 93 7.36 -4.65 16.12
CA VAL A 93 6.60 -3.43 16.48
C VAL A 93 6.84 -3.02 17.93
N HIS A 94 7.38 -1.81 18.14
CA HIS A 94 7.78 -1.33 19.49
C HIS A 94 6.65 -0.86 20.44
N ASP A 106 14.23 7.02 16.86
CA ASP A 106 14.42 6.52 15.48
C ASP A 106 15.11 5.13 15.48
N ASP A 107 14.30 4.10 15.69
CA ASP A 107 14.79 2.74 15.88
C ASP A 107 13.86 1.76 15.14
N THR A 108 14.33 1.23 14.02
CA THR A 108 13.55 0.26 13.27
C THR A 108 14.11 -1.13 13.54
N GLU A 109 13.25 -2.08 13.94
CA GLU A 109 13.67 -3.46 14.18
C GLU A 109 13.01 -4.46 13.22
N PHE A 110 13.80 -5.35 12.64
CA PHE A 110 13.29 -6.40 11.75
C PHE A 110 13.75 -7.82 12.15
N GLN A 111 13.07 -8.82 11.64
CA GLN A 111 13.20 -10.15 12.19
C GLN A 111 12.82 -11.23 11.17
N HIS A 112 13.66 -12.27 11.05
CA HIS A 112 13.29 -13.50 10.33
C HIS A 112 13.89 -14.66 11.14
N PRO A 113 13.09 -15.71 11.38
CA PRO A 113 13.56 -16.77 12.30
C PRO A 113 14.76 -17.59 11.85
N CYS A 114 15.01 -17.67 10.55
CA CYS A 114 16.16 -18.43 10.02
C CYS A 114 17.32 -17.37 9.60
N PHE A 115 17.23 -16.12 10.13
CA PHE A 115 18.27 -15.04 10.02
C PHE A 115 18.90 -14.70 11.38
N LEU A 116 20.02 -15.33 11.71
CA LEU A 116 20.43 -15.38 13.13
C LEU A 116 21.91 -15.19 13.35
N ARG A 117 22.26 -14.41 14.39
CA ARG A 117 23.65 -14.14 14.73
C ARG A 117 24.45 -15.44 14.87
N GLY A 118 25.63 -15.46 14.27
CA GLY A 118 26.55 -16.59 14.37
C GLY A 118 26.15 -17.85 13.61
N GLN A 119 25.14 -17.77 12.76
CA GLN A 119 24.62 -18.95 12.03
C GLN A 119 24.28 -18.64 10.58
N GLU A 120 25.28 -18.29 9.81
CA GLU A 120 25.11 -17.95 8.39
C GLU A 120 24.51 -19.06 7.52
N GLN A 121 24.74 -20.30 7.89
CA GLN A 121 24.29 -21.44 7.08
C GLN A 121 22.76 -21.45 6.92
N LEU A 122 22.07 -20.84 7.88
CA LEU A 122 20.59 -20.77 7.86
C LEU A 122 19.99 -19.83 6.82
N LEU A 123 20.81 -19.03 6.16
CA LEU A 123 20.32 -18.14 5.09
C LEU A 123 19.78 -18.88 3.87
N GLU A 124 20.26 -20.10 3.68
CA GLU A 124 19.82 -21.02 2.64
C GLU A 124 18.32 -21.30 2.68
N ASN A 125 17.70 -21.09 3.85
CA ASN A 125 16.29 -21.40 4.04
C ASN A 125 15.37 -20.23 3.84
N ILE A 126 15.95 -19.06 3.57
CA ILE A 126 15.17 -17.85 3.37
C ILE A 126 14.90 -17.68 1.89
N LYS A 127 13.62 -17.70 1.50
CA LYS A 127 13.26 -17.61 0.09
C LYS A 127 12.49 -16.36 -0.27
N ARG A 128 12.89 -15.83 -1.41
CA ARG A 128 12.28 -14.68 -2.05
C ARG A 128 10.90 -15.06 -2.51
N LYS A 129 9.89 -14.24 -2.19
CA LYS A 129 8.48 -14.62 -2.43
C LYS A 129 8.10 -14.40 -3.88
N VAL A 130 7.45 -15.42 -4.47
CA VAL A 130 7.38 -15.56 -5.94
C VAL A 130 6.35 -14.70 -6.72
N THR A 131 5.06 -15.03 -6.71
CA THR A 131 4.05 -14.49 -7.70
C THR A 131 4.59 -13.38 -8.63
N SER B 24 -2.39 14.26 -20.35
CA SER B 24 -1.49 14.47 -19.16
C SER B 24 -1.20 13.16 -18.39
N ASN B 25 -0.55 13.30 -17.24
CA ASN B 25 -0.07 12.20 -16.43
C ASN B 25 -1.08 11.90 -15.30
N VAL B 26 -2.18 11.23 -15.65
CA VAL B 26 -3.25 10.92 -14.71
C VAL B 26 -3.06 9.48 -14.21
N PRO B 27 -3.11 9.27 -12.88
CA PRO B 27 -3.01 7.90 -12.37
C PRO B 27 -4.09 6.99 -12.92
N ALA B 28 -3.75 5.72 -13.10
CA ALA B 28 -4.69 4.70 -13.52
C ALA B 28 -5.92 4.65 -12.62
N PHE B 29 -5.76 4.80 -11.29
CA PHE B 29 -6.92 4.66 -10.39
C PHE B 29 -8.06 5.55 -10.89
N LEU B 30 -7.72 6.81 -11.17
CA LEU B 30 -8.71 7.82 -11.46
C LEU B 30 -9.38 7.61 -12.82
N THR B 31 -8.62 7.28 -13.86
CA THR B 31 -9.22 6.98 -15.14
C THR B 31 -10.06 5.72 -15.07
N LYS B 32 -9.63 4.71 -14.32
CA LYS B 32 -10.44 3.51 -14.13
C LYS B 32 -11.74 3.80 -13.40
N LEU B 33 -11.64 4.57 -12.31
CA LEU B 33 -12.83 4.93 -11.52
C LEU B 33 -13.82 5.67 -12.41
N TRP B 34 -13.30 6.56 -13.23
CA TRP B 34 -14.12 7.43 -14.06
C TRP B 34 -14.86 6.61 -15.08
N THR B 35 -14.12 5.74 -15.75
CA THR B 35 -14.67 4.80 -16.71
C THR B 35 -15.70 3.84 -16.09
N LEU B 36 -15.40 3.30 -14.91
CA LEU B 36 -16.28 2.42 -14.16
C LEU B 36 -17.62 3.08 -13.81
N VAL B 37 -17.54 4.24 -13.16
CA VAL B 37 -18.74 5.02 -12.82
C VAL B 37 -19.56 5.33 -14.07
N SER B 38 -18.89 5.79 -15.14
CA SER B 38 -19.57 6.21 -16.39
C SER B 38 -20.17 5.06 -17.20
N ASP B 39 -19.58 3.88 -17.12
CA ASP B 39 -20.07 2.73 -17.90
C ASP B 39 -21.50 2.32 -17.56
N PRO B 40 -22.44 2.37 -18.54
CA PRO B 40 -23.84 1.94 -18.32
C PRO B 40 -23.98 0.44 -17.97
N ASP B 41 -23.07 -0.38 -18.45
CA ASP B 41 -23.03 -1.79 -18.09
C ASP B 41 -22.93 -2.04 -16.58
N THR B 42 -22.36 -1.09 -15.81
CA THR B 42 -22.20 -1.26 -14.38
C THR B 42 -23.13 -0.45 -13.52
N ASP B 43 -24.05 0.29 -14.15
CA ASP B 43 -24.87 1.29 -13.45
C ASP B 43 -25.82 0.74 -12.38
N ALA B 44 -26.10 -0.56 -12.42
CA ALA B 44 -26.94 -1.14 -11.37
C ALA B 44 -26.23 -1.18 -10.01
N LEU B 45 -24.90 -1.23 -10.04
CA LEU B 45 -24.08 -1.22 -8.80
C LEU B 45 -23.22 0.05 -8.55
N ILE B 46 -22.89 0.80 -9.61
CA ILE B 46 -22.10 2.01 -9.45
C ILE B 46 -22.38 2.94 -10.62
N CYS B 47 -22.89 4.14 -10.30
CA CYS B 47 -23.36 5.10 -11.30
C CYS B 47 -23.24 6.55 -10.79
N TRP B 48 -23.33 7.50 -11.72
CA TRP B 48 -23.37 8.93 -11.38
C TRP B 48 -24.70 9.25 -10.70
N SER B 49 -24.67 10.20 -9.79
CA SER B 49 -25.86 10.77 -9.23
C SER B 49 -26.53 11.62 -10.33
N PRO B 50 -27.83 11.92 -10.19
CA PRO B 50 -28.55 12.66 -11.24
C PRO B 50 -27.87 13.96 -11.65
N SER B 51 -27.34 14.73 -10.69
CA SER B 51 -26.70 15.99 -11.05
C SER B 51 -25.28 15.80 -11.62
N GLY B 52 -24.72 14.61 -11.47
CA GLY B 52 -23.43 14.29 -12.09
C GLY B 52 -22.21 14.81 -11.35
N ASN B 53 -22.34 15.07 -10.05
CA ASN B 53 -21.23 15.58 -9.26
C ASN B 53 -20.83 14.70 -8.10
N SER B 54 -21.32 13.45 -8.11
CA SER B 54 -21.02 12.46 -7.09
C SER B 54 -21.43 11.09 -7.64
N PHE B 55 -21.02 10.01 -6.98
CA PHE B 55 -21.40 8.68 -7.41
C PHE B 55 -21.83 7.79 -6.27
N HIS B 56 -22.61 6.77 -6.62
CA HIS B 56 -23.18 5.82 -5.66
C HIS B 56 -22.59 4.43 -5.84
N VAL B 57 -22.36 3.74 -4.73
CA VAL B 57 -22.14 2.31 -4.75
C VAL B 57 -23.31 1.63 -4.06
N PHE B 58 -23.91 0.66 -4.74
CA PHE B 58 -25.05 -0.09 -4.22
C PHE B 58 -24.58 -1.51 -3.96
N ASP B 59 -25.14 -2.17 -2.94
CA ASP B 59 -24.93 -3.61 -2.72
C ASP B 59 -23.46 -3.94 -2.72
N GLN B 60 -22.79 -3.26 -1.82
CA GLN B 60 -21.38 -3.45 -1.49
C GLN B 60 -20.84 -4.85 -1.72
N GLY B 61 -21.50 -5.83 -1.14
CA GLY B 61 -21.07 -7.21 -1.24
C GLY B 61 -21.01 -7.69 -2.68
N GLN B 62 -22.09 -7.48 -3.42
CA GLN B 62 -22.12 -7.94 -4.79
C GLN B 62 -21.10 -7.14 -5.61
N PHE B 63 -21.02 -5.84 -5.34
CA PHE B 63 -20.08 -4.94 -6.03
C PHE B 63 -18.66 -5.42 -5.81
N ALA B 64 -18.34 -5.74 -4.56
CA ALA B 64 -17.00 -6.17 -4.19
C ALA B 64 -16.60 -7.51 -4.82
N LYS B 65 -17.53 -8.44 -4.86
CA LYS B 65 -17.25 -9.75 -5.45
C LYS B 65 -17.24 -9.71 -6.97
N GLU B 66 -18.27 -9.11 -7.58
CA GLU B 66 -18.49 -9.19 -9.03
C GLU B 66 -17.80 -8.09 -9.86
N VAL B 67 -17.59 -6.91 -9.29
CA VAL B 67 -17.06 -5.79 -10.08
C VAL B 67 -15.61 -5.43 -9.79
N LEU B 68 -15.23 -5.29 -8.52
CA LEU B 68 -13.91 -4.77 -8.17
C LEU B 68 -12.76 -5.54 -8.78
N PRO B 69 -12.80 -6.88 -8.76
CA PRO B 69 -11.64 -7.62 -9.29
C PRO B 69 -11.49 -7.60 -10.82
N LYS B 70 -12.47 -7.06 -11.53
CA LYS B 70 -12.37 -6.86 -12.97
C LYS B 70 -11.62 -5.57 -13.28
N TYR B 71 -11.58 -4.66 -12.30
CA TYR B 71 -10.95 -3.36 -12.48
C TYR B 71 -9.69 -3.17 -11.67
N PHE B 72 -9.61 -3.84 -10.54
CA PHE B 72 -8.44 -3.77 -9.67
C PHE B 72 -7.94 -5.16 -9.28
N LYS B 73 -6.90 -5.19 -8.46
CA LYS B 73 -6.24 -6.42 -8.02
C LYS B 73 -6.72 -6.92 -6.66
N HIS B 74 -8.02 -6.84 -6.40
CA HIS B 74 -8.61 -7.33 -5.16
C HIS B 74 -10.12 -7.36 -5.26
N ASN B 75 -10.75 -7.88 -4.21
CA ASN B 75 -12.20 -7.88 -4.11
C ASN B 75 -12.71 -7.37 -2.75
N ASN B 76 -12.00 -6.37 -2.20
CA ASN B 76 -12.33 -5.75 -0.91
C ASN B 76 -12.85 -4.32 -1.00
N MET B 77 -14.08 -4.14 -0.53
CA MET B 77 -14.65 -2.81 -0.46
C MET B 77 -13.75 -1.85 0.32
N ALA B 78 -13.14 -2.32 1.39
CA ALA B 78 -12.31 -1.47 2.25
C ALA B 78 -11.08 -0.92 1.51
N SER B 79 -10.53 -1.76 0.63
CA SER B 79 -9.33 -1.41 -0.13
C SER B 79 -9.63 -0.37 -1.20
N PHE B 80 -10.81 -0.51 -1.80
CA PHE B 80 -11.36 0.49 -2.71
C PHE B 80 -11.57 1.84 -2.02
N VAL B 81 -12.23 1.81 -0.86
CA VAL B 81 -12.47 3.01 -0.05
C VAL B 81 -11.17 3.70 0.40
N ARG B 82 -10.13 2.93 0.69
CA ARG B 82 -8.83 3.45 1.09
C ARG B 82 -8.21 4.32 0.00
N GLN B 83 -8.24 3.81 -1.24
CA GLN B 83 -7.81 4.56 -2.42
C GLN B 83 -8.59 5.82 -2.65
N LEU B 84 -9.92 5.76 -2.45
CA LEU B 84 -10.76 6.97 -2.54
C LEU B 84 -10.28 7.98 -1.51
N ASN B 85 -10.02 7.58 -0.28
CA ASN B 85 -9.53 8.51 0.73
C ASN B 85 -8.13 9.05 0.37
N MET B 86 -7.28 8.22 -0.20
CA MET B 86 -5.96 8.66 -0.64
C MET B 86 -5.99 9.70 -1.75
N TYR B 87 -7.07 9.77 -2.52
CA TYR B 87 -7.22 10.79 -3.54
C TYR B 87 -8.18 11.93 -3.17
N GLY B 88 -8.58 12.05 -1.90
CA GLY B 88 -9.31 13.23 -1.46
C GLY B 88 -10.81 13.18 -1.59
N PHE B 89 -11.37 12.03 -1.95
CA PHE B 89 -12.83 11.88 -2.02
C PHE B 89 -13.42 11.87 -0.62
N ARG B 90 -14.64 12.41 -0.48
CA ARG B 90 -15.33 12.49 0.79
C ARG B 90 -16.68 11.80 0.60
N LYS B 91 -17.13 11.17 1.68
CA LYS B 91 -18.48 10.64 1.76
C LYS B 91 -19.53 11.76 1.73
N VAL B 92 -20.62 11.55 0.99
CA VAL B 92 -21.81 12.40 1.06
C VAL B 92 -22.77 11.81 2.08
N VAL B 93 -23.12 12.58 3.11
CA VAL B 93 -23.89 12.06 4.25
C VAL B 93 -25.38 12.06 4.00
N HIS B 94 -26.00 10.87 4.07
CA HIS B 94 -27.45 10.70 3.89
C HIS B 94 -28.11 10.81 5.27
N ILE B 95 -29.11 11.67 5.40
CA ILE B 95 -29.81 11.79 6.69
C ILE B 95 -30.97 10.79 6.74
N GLU B 96 -31.01 9.98 7.79
CA GLU B 96 -32.16 9.10 8.03
C GLU B 96 -33.29 9.84 8.74
N GLN B 97 -34.49 9.33 8.52
CA GLN B 97 -35.73 9.87 9.07
C GLN B 97 -36.50 8.62 9.46
N GLY B 98 -37.64 8.78 10.14
CA GLY B 98 -38.47 7.61 10.47
C GLY B 98 -39.46 7.27 9.36
N GLY B 99 -40.12 6.13 9.49
CA GLY B 99 -41.20 5.79 8.57
C GLY B 99 -42.26 4.94 9.23
N VAL B 101 -43.00 2.48 7.45
CA VAL B 101 -42.27 1.87 6.32
C VAL B 101 -41.11 2.74 5.77
N LYS B 102 -39.88 2.51 6.26
CA LYS B 102 -38.66 3.13 5.73
C LYS B 102 -37.57 2.10 5.35
N PRO B 103 -37.80 1.34 4.26
CA PRO B 103 -36.80 0.37 3.85
C PRO B 103 -35.59 1.06 3.22
N GLU B 104 -34.39 0.63 3.59
CA GLU B 104 -33.18 1.25 3.08
C GLU B 104 -32.52 0.32 2.08
N ARG B 105 -31.78 0.93 1.16
CA ARG B 105 -30.97 0.19 0.18
C ARG B 105 -29.49 0.38 0.53
N ASP B 106 -28.66 -0.65 0.32
CA ASP B 106 -27.22 -0.50 0.60
C ASP B 106 -26.64 0.57 -0.37
N ASP B 107 -26.45 1.78 0.15
CA ASP B 107 -26.19 2.96 -0.68
C ASP B 107 -25.08 3.80 -0.04
N THR B 108 -23.91 3.84 -0.64
CA THR B 108 -22.86 4.74 -0.17
C THR B 108 -22.52 5.75 -1.26
N GLU B 109 -22.52 7.03 -0.90
CA GLU B 109 -22.27 8.07 -1.89
C GLU B 109 -20.94 8.77 -1.62
N PHE B 110 -20.13 8.98 -2.68
CA PHE B 110 -18.82 9.65 -2.57
C PHE B 110 -18.74 10.82 -3.54
N GLN B 111 -17.75 11.68 -3.35
CA GLN B 111 -17.73 12.96 -4.03
C GLN B 111 -16.32 13.57 -4.03
N HIS B 112 -15.91 14.13 -5.16
CA HIS B 112 -14.78 15.05 -5.26
C HIS B 112 -15.15 16.13 -6.31
N PRO B 113 -14.92 17.42 -6.00
CA PRO B 113 -15.41 18.50 -6.87
C PRO B 113 -14.81 18.58 -8.29
N CYS B 114 -13.62 18.02 -8.48
CA CYS B 114 -12.98 18.02 -9.82
C CYS B 114 -13.10 16.54 -10.43
N PHE B 115 -14.04 15.73 -9.88
CA PHE B 115 -14.44 14.37 -10.40
C PHE B 115 -15.91 14.32 -10.94
N LEU B 116 -16.10 14.56 -12.24
CA LEU B 116 -17.42 14.98 -12.72
C LEU B 116 -17.82 14.26 -14.00
N ARG B 117 -19.14 13.96 -14.08
CA ARG B 117 -19.71 13.35 -15.30
C ARG B 117 -19.45 14.22 -16.54
N GLY B 118 -19.03 13.55 -17.62
CA GLY B 118 -18.80 14.18 -18.90
C GLY B 118 -17.57 15.08 -18.99
N GLN B 119 -16.72 15.10 -17.97
CA GLN B 119 -15.59 16.03 -17.92
C GLN B 119 -14.36 15.34 -17.40
N GLU B 120 -13.83 14.41 -18.18
CA GLU B 120 -12.64 13.68 -17.80
C GLU B 120 -11.37 14.53 -17.64
N GLN B 121 -11.27 15.64 -18.37
CA GLN B 121 -10.08 16.45 -18.38
C GLN B 121 -9.76 17.02 -17.00
N LEU B 122 -10.77 17.12 -16.14
CA LEU B 122 -10.60 17.63 -14.77
C LEU B 122 -9.83 16.73 -13.82
N LEU B 123 -9.70 15.46 -14.15
CA LEU B 123 -9.00 14.50 -13.27
C LEU B 123 -7.54 14.91 -12.97
N GLU B 124 -6.97 15.66 -13.89
CA GLU B 124 -5.63 16.20 -13.78
C GLU B 124 -5.41 16.97 -12.49
N ASN B 125 -6.50 17.45 -11.89
CA ASN B 125 -6.42 18.32 -10.72
C ASN B 125 -6.48 17.57 -9.40
N ILE B 126 -6.75 16.26 -9.47
CA ILE B 126 -6.90 15.42 -8.29
C ILE B 126 -5.56 14.77 -7.97
N LYS B 127 -5.01 15.04 -6.80
CA LYS B 127 -3.67 14.56 -6.46
C LYS B 127 -3.69 13.61 -5.27
N ARG B 128 -2.90 12.55 -5.34
CA ARG B 128 -2.74 11.60 -4.25
C ARG B 128 -1.98 12.21 -3.08
N LYS B 129 -2.49 12.02 -1.86
CA LYS B 129 -1.75 12.38 -0.65
C LYS B 129 -0.44 11.62 -0.54
N VAL B 130 0.46 12.21 0.23
CA VAL B 130 1.84 11.74 0.31
C VAL B 130 1.90 10.72 1.44
N THR B 131 2.64 9.65 1.21
CA THR B 131 2.86 8.61 2.23
C THR B 131 4.27 8.75 2.86
MG MG E . 26.84 -3.82 12.33
MG MG F . -21.49 2.79 -14.08
#